data_3K2J
#
_entry.id   3K2J
#
_cell.length_a   81.390
_cell.length_b   81.390
_cell.length_c   79.475
_cell.angle_alpha   90.000
_cell.angle_beta   90.000
_cell.angle_gamma   120.000
#
_symmetry.space_group_name_H-M   'P 65'
#
loop_
_entity.id
_entity.type
_entity.pdbx_description
1 polymer 'Protein polybromo-1'
2 non-polymer 'CHLORIDE ION'
3 non-polymer 'SULFATE ION'
4 water water
#
_entity_poly.entity_id   1
_entity_poly.type   'polypeptide(L)'
_entity_poly.pdbx_seq_one_letter_code
;MHHHHHHSSGVDLGTENLYFQSMQLYDTVRSCRNNQGQLIAEPFYHLPSKKKYPDYYQQIKMPISLQQIRTKLKNQEYET
LDHLECDLNLMFENAKRYNVPNSAIYKRVLKLQQVMQAKKKELARRDDIE
;
_entity_poly.pdbx_strand_id   A,B
#
# COMPACT_ATOMS: atom_id res chain seq x y z
N GLY A 10 2.47 1.25 29.62
CA GLY A 10 2.40 1.21 31.12
C GLY A 10 1.40 2.20 31.67
N VAL A 11 1.36 3.39 31.06
CA VAL A 11 0.35 4.42 31.31
C VAL A 11 -0.42 4.83 30.04
N ASP A 12 -0.13 4.17 28.91
CA ASP A 12 -0.89 4.33 27.67
C ASP A 12 -1.17 2.92 27.10
N LEU A 13 -2.22 2.92 26.17
CA LEU A 13 -2.38 1.78 25.27
C LEU A 13 -1.64 2.16 23.99
N GLY A 14 -0.78 1.26 23.51
CA GLY A 14 -0.03 1.46 22.28
C GLY A 14 -0.96 1.63 21.08
N THR A 15 -2.10 0.91 21.10
CA THR A 15 -3.16 1.00 20.08
C THR A 15 -3.65 2.45 19.86
N GLU A 16 -3.72 3.23 20.92
CA GLU A 16 -4.23 4.59 20.86
C GLU A 16 -3.19 5.60 20.35
N ASN A 17 -1.96 5.43 20.82
CA ASN A 17 -0.82 6.27 20.43
C ASN A 17 -0.57 6.20 18.93
N LEU A 18 -0.74 5.00 18.39
CA LEU A 18 -0.65 4.81 16.97
C LEU A 18 -1.62 5.72 16.18
N TYR A 19 -2.88 5.89 16.60
CA TYR A 19 -3.74 6.90 15.89
C TYR A 19 -3.21 8.34 16.03
N PHE A 20 -2.58 8.66 17.16
CA PHE A 20 -1.98 9.95 17.29
C PHE A 20 -0.78 10.07 16.33
N GLN A 21 0.08 9.07 16.30
CA GLN A 21 1.20 9.10 15.38
C GLN A 21 0.70 9.22 13.96
N SER A 22 -0.33 8.46 13.62
CA SER A 22 -0.92 8.57 12.30
C SER A 22 -1.42 9.90 11.90
N MET A 23 -2.20 10.53 12.77
CA MET A 23 -2.70 11.87 12.49
C MET A 23 -1.51 12.87 12.31
N GLN A 24 -0.40 12.69 13.03
CA GLN A 24 0.74 13.62 12.88
C GLN A 24 1.42 13.47 11.56
N LEU A 25 1.62 12.21 11.12
CA LEU A 25 2.20 11.98 9.81
C LEU A 25 1.32 12.60 8.71
N TYR A 26 0.03 12.36 8.77
CA TYR A 26 -0.86 12.96 7.78
C TYR A 26 -0.82 14.47 7.73
N ASP A 27 -0.74 15.09 8.91
CA ASP A 27 -0.79 16.55 8.99
C ASP A 27 0.47 17.13 8.36
N THR A 28 1.59 16.47 8.64
CA THR A 28 2.89 16.87 8.10
C THR A 28 2.88 16.89 6.57
N VAL A 29 2.23 15.92 5.94
CA VAL A 29 2.12 15.92 4.48
C VAL A 29 1.17 17.03 4.01
N ARG A 30 -0.06 16.99 4.53
CA ARG A 30 -1.12 17.88 4.11
CA ARG A 30 -1.13 17.90 4.14
C ARG A 30 -0.74 19.37 4.20
N SER A 31 -0.01 19.74 5.26
CA SER A 31 0.31 21.11 5.55
C SER A 31 1.78 21.48 5.24
N CYS A 32 2.47 20.61 4.53
CA CYS A 32 3.83 20.87 4.15
C CYS A 32 3.93 22.18 3.34
N ARG A 33 4.86 23.04 3.71
CA ARG A 33 5.05 24.29 3.00
C ARG A 33 6.46 24.35 2.41
N ASN A 34 6.59 25.05 1.29
CA ASN A 34 7.90 25.28 0.66
C ASN A 34 8.62 26.45 1.28
N ASN A 35 9.73 26.87 0.66
CA ASN A 35 10.49 28.04 1.08
C ASN A 35 9.67 29.32 1.14
N GLN A 36 8.86 29.56 0.10
CA GLN A 36 7.98 30.74 0.04
C GLN A 36 6.91 30.73 1.14
N GLY A 37 6.34 29.54 1.36
CA GLY A 37 5.22 29.37 2.29
C GLY A 37 3.95 28.85 1.64
N GLN A 38 4.05 28.39 0.40
CA GLN A 38 2.92 27.77 -0.29
C GLN A 38 2.82 26.29 0.08
N LEU A 39 1.60 25.74 -0.08
CA LEU A 39 1.27 24.41 0.36
C LEU A 39 1.55 23.40 -0.75
N ILE A 40 2.66 22.71 -0.65
CA ILE A 40 3.10 21.79 -1.67
C ILE A 40 2.09 20.65 -1.97
N ALA A 41 1.17 20.35 -1.05
CA ALA A 41 0.34 19.13 -1.17
C ALA A 41 -1.01 19.34 -1.83
N GLU A 42 -1.32 20.57 -2.19
CA GLU A 42 -2.63 20.90 -2.70
C GLU A 42 -3.09 20.07 -3.86
N PRO A 43 -2.20 19.82 -4.85
CA PRO A 43 -2.62 18.96 -5.96
C PRO A 43 -3.01 17.56 -5.55
N PHE A 44 -2.78 17.20 -4.28
CA PHE A 44 -3.09 15.84 -3.80
C PHE A 44 -4.28 15.76 -2.89
N TYR A 45 -4.94 16.92 -2.70
CA TYR A 45 -6.11 17.01 -1.83
C TYR A 45 -7.30 16.20 -2.38
N HIS A 46 -7.41 16.10 -3.69
CA HIS A 46 -8.51 15.37 -4.33
C HIS A 46 -8.03 14.63 -5.56
N LEU A 47 -8.67 13.52 -5.88
CA LEU A 47 -8.40 12.85 -7.15
C LEU A 47 -8.77 13.76 -8.34
N PRO A 48 -8.09 13.58 -9.48
CA PRO A 48 -8.42 14.30 -10.70
C PRO A 48 -9.82 14.01 -11.23
N SER A 49 -10.38 14.97 -11.95
N SER A 49 -10.35 14.94 -12.03
CA SER A 49 -11.77 14.93 -12.34
CA SER A 49 -11.65 14.76 -12.69
C SER A 49 -12.11 13.67 -13.13
C SER A 49 -11.65 13.48 -13.53
N LYS A 50 -13.21 13.04 -12.77
N LYS A 50 -12.80 12.83 -13.63
CA LYS A 50 -13.91 12.13 -13.68
CA LYS A 50 -12.88 11.43 -14.06
C LYS A 50 -15.16 12.87 -14.13
C LYS A 50 -13.13 11.13 -15.55
N LYS A 51 -15.33 13.06 -15.45
N LYS A 51 -13.89 11.95 -16.28
CA LYS A 51 -14.40 12.50 -16.43
CA LYS A 51 -14.28 13.30 -15.93
C LYS A 51 -13.76 13.54 -17.35
C LYS A 51 -13.53 14.16 -16.96
N LYS A 52 -12.83 14.34 -16.82
N LYS A 52 -12.62 15.01 -16.49
CA LYS A 52 -12.06 15.29 -17.62
CA LYS A 52 -11.74 15.71 -17.41
C LYS A 52 -10.62 14.83 -17.85
C LYS A 52 -10.56 14.83 -17.89
N TYR A 53 -10.18 13.82 -17.10
CA TYR A 53 -8.87 13.14 -17.31
C TYR A 53 -8.97 11.58 -17.30
N PRO A 54 -9.90 11.01 -18.10
CA PRO A 54 -10.07 9.54 -18.09
C PRO A 54 -8.78 8.79 -18.42
N ASP A 55 -7.91 9.44 -19.18
CA ASP A 55 -6.51 9.03 -19.39
C ASP A 55 -5.81 8.58 -18.08
N TYR A 56 -5.96 9.41 -17.05
CA TYR A 56 -5.36 9.17 -15.75
C TYR A 56 -5.85 7.83 -15.17
N TYR A 57 -7.16 7.59 -15.23
CA TYR A 57 -7.78 6.33 -14.73
C TYR A 57 -7.56 5.09 -15.60
N GLN A 58 -7.25 5.25 -16.88
CA GLN A 58 -6.87 4.11 -17.72
C GLN A 58 -5.50 3.67 -17.25
N GLN A 59 -4.71 4.64 -16.79
CA GLN A 59 -3.32 4.39 -16.48
C GLN A 59 -3.07 4.06 -15.03
N ILE A 60 -3.75 4.75 -14.11
CA ILE A 60 -3.49 4.60 -12.69
C ILE A 60 -4.51 3.63 -12.10
N LYS A 61 -4.09 2.40 -11.83
CA LYS A 61 -4.99 1.30 -11.43
C LYS A 61 -5.51 1.40 -9.99
N MET A 62 -4.72 1.99 -9.11
CA MET A 62 -5.11 2.19 -7.71
C MET A 62 -5.03 3.68 -7.32
N PRO A 63 -5.93 4.51 -7.88
CA PRO A 63 -5.91 5.93 -7.54
C PRO A 63 -6.25 6.22 -6.06
N ILE A 64 -5.49 7.14 -5.47
CA ILE A 64 -5.70 7.55 -4.10
C ILE A 64 -5.17 8.99 -3.88
N SER A 65 -5.86 9.75 -3.03
CA SER A 65 -5.45 11.11 -2.71
C SER A 65 -5.67 11.33 -1.24
N LEU A 66 -5.27 12.51 -0.80
CA LEU A 66 -5.41 12.86 0.58
C LEU A 66 -6.87 12.85 1.00
N GLN A 67 -7.80 13.04 0.06
CA GLN A 67 -9.24 12.90 0.39
C GLN A 67 -9.51 11.52 0.99
N GLN A 68 -9.14 10.47 0.27
CA GLN A 68 -9.52 9.14 0.70
C GLN A 68 -8.74 8.74 1.93
N ILE A 69 -7.50 9.21 2.00
CA ILE A 69 -6.65 8.91 3.13
C ILE A 69 -7.20 9.49 4.38
N ARG A 70 -7.58 10.78 4.28
CA ARG A 70 -8.28 11.47 5.35
C ARG A 70 -9.49 10.63 5.88
N THR A 71 -10.37 10.20 4.99
CA THR A 71 -11.54 9.42 5.39
C THR A 71 -11.16 8.07 6.05
N LYS A 72 -10.12 7.43 5.55
CA LYS A 72 -9.67 6.16 6.12
C LYS A 72 -9.15 6.38 7.51
N LEU A 73 -8.40 7.46 7.68
CA LEU A 73 -7.85 7.83 8.98
C LEU A 73 -8.96 8.07 9.99
N LYS A 74 -9.96 8.84 9.58
CA LYS A 74 -11.10 9.16 10.47
C LYS A 74 -11.75 7.89 10.93
N ASN A 75 -11.81 6.89 10.04
CA ASN A 75 -12.53 5.67 10.34
C ASN A 75 -11.58 4.60 10.90
N GLN A 76 -10.48 5.08 11.48
CA GLN A 76 -9.47 4.26 12.14
C GLN A 76 -9.04 3.03 11.32
N GLU A 77 -8.95 3.20 10.00
CA GLU A 77 -8.55 2.10 9.13
C GLU A 77 -7.05 1.78 9.24
N TYR A 78 -6.27 2.73 9.75
CA TYR A 78 -4.84 2.56 9.78
C TYR A 78 -4.36 2.02 11.13
N GLU A 79 -4.16 0.71 11.18
CA GLU A 79 -3.85 -0.01 12.44
C GLU A 79 -2.40 0.17 12.88
N THR A 80 -1.56 0.49 11.91
CA THR A 80 -0.16 0.82 12.10
C THR A 80 0.15 2.03 11.22
N LEU A 81 1.23 2.67 11.59
CA LEU A 81 1.83 3.74 10.86
C LEU A 81 2.34 3.24 9.48
N ASP A 82 2.85 2.02 9.39
CA ASP A 82 3.21 1.46 8.08
C ASP A 82 2.05 1.44 7.08
N HIS A 83 0.82 1.12 7.49
CA HIS A 83 -0.31 1.12 6.56
C HIS A 83 -0.54 2.50 6.00
N LEU A 84 -0.49 3.51 6.85
CA LEU A 84 -0.62 4.88 6.38
C LEU A 84 0.49 5.27 5.43
N GLU A 85 1.72 4.92 5.78
CA GLU A 85 2.84 5.17 4.91
C GLU A 85 2.68 4.44 3.57
N CYS A 86 2.09 3.26 3.58
CA CYS A 86 1.80 2.53 2.35
C CYS A 86 0.91 3.33 1.45
N ASP A 87 -0.17 3.91 1.99
CA ASP A 87 -1.13 4.64 1.16
C ASP A 87 -0.54 6.01 0.69
N LEU A 88 0.16 6.68 1.56
CA LEU A 88 0.84 7.90 1.16
C LEU A 88 1.84 7.60 0.02
N ASN A 89 2.63 6.52 0.12
CA ASN A 89 3.55 6.12 -0.96
C ASN A 89 2.84 5.77 -2.26
N LEU A 90 1.71 5.10 -2.16
CA LEU A 90 0.91 4.80 -3.30
C LEU A 90 0.56 6.06 -4.00
N MET A 91 0.15 7.08 -3.25
CA MET A 91 -0.25 8.36 -3.83
C MET A 91 0.93 9.06 -4.54
N PHE A 92 2.10 9.03 -3.93
CA PHE A 92 3.25 9.63 -4.56
C PHE A 92 3.72 8.89 -5.79
N GLU A 93 3.69 7.57 -5.74
CA GLU A 93 4.13 6.79 -6.89
C GLU A 93 3.17 6.89 -8.11
N ASN A 94 1.88 6.97 -7.89
CA ASN A 94 0.95 7.34 -8.96
C ASN A 94 1.32 8.64 -9.68
N ALA A 95 1.55 9.69 -8.92
CA ALA A 95 1.90 10.98 -9.51
C ALA A 95 3.24 10.89 -10.26
N LYS A 96 4.19 10.13 -9.73
CA LYS A 96 5.48 9.92 -10.39
C LYS A 96 5.34 9.06 -11.63
N ARG A 97 4.41 8.11 -11.66
CA ARG A 97 4.16 7.32 -12.86
C ARG A 97 3.50 8.17 -13.92
N TYR A 98 2.59 9.04 -13.51
CA TYR A 98 1.73 9.75 -14.47
C TYR A 98 2.35 11.01 -15.02
N ASN A 99 3.32 11.58 -14.30
CA ASN A 99 4.05 12.77 -14.67
C ASN A 99 5.48 12.42 -15.00
N VAL A 100 6.18 13.30 -15.73
CA VAL A 100 7.58 13.08 -16.14
C VAL A 100 8.57 13.69 -15.11
N PRO A 101 9.77 13.12 -15.01
CA PRO A 101 10.73 13.57 -14.00
C PRO A 101 10.98 15.08 -13.93
N ASN A 102 11.04 15.77 -15.05
CA ASN A 102 11.24 17.20 -14.99
C ASN A 102 10.02 18.10 -14.70
N SER A 103 8.80 17.55 -14.58
CA SER A 103 7.63 18.39 -14.29
C SER A 103 7.72 18.91 -12.88
N ALA A 104 7.15 20.07 -12.65
CA ALA A 104 7.26 20.67 -11.33
C ALA A 104 6.58 19.79 -10.28
N ILE A 105 5.50 19.13 -10.67
CA ILE A 105 4.71 18.32 -9.77
C ILE A 105 5.48 17.05 -9.38
N TYR A 106 6.21 16.46 -10.32
CA TYR A 106 7.09 15.33 -9.97
C TYR A 106 8.13 15.76 -8.92
N LYS A 107 8.71 16.92 -9.13
CA LYS A 107 9.70 17.40 -8.20
C LYS A 107 9.10 17.72 -6.84
N ARG A 108 7.87 18.26 -6.79
CA ARG A 108 7.12 18.46 -5.53
C ARG A 108 6.83 17.14 -4.83
N VAL A 109 6.45 16.11 -5.58
CA VAL A 109 6.30 14.74 -5.00
C VAL A 109 7.55 14.20 -4.31
N LEU A 110 8.73 14.32 -4.91
CA LEU A 110 9.96 13.84 -4.30
C LEU A 110 10.25 14.48 -2.95
N LYS A 111 10.06 15.79 -2.87
CA LYS A 111 10.21 16.49 -1.60
C LYS A 111 9.18 16.03 -0.56
N LEU A 112 7.92 16.04 -0.96
CA LEU A 112 6.83 15.56 -0.10
C LEU A 112 7.14 14.19 0.45
N GLN A 113 7.47 13.27 -0.44
CA GLN A 113 7.78 11.90 -0.12
C GLN A 113 8.95 11.80 0.86
N GLN A 114 9.97 12.61 0.63
CA GLN A 114 11.10 12.68 1.54
C GLN A 114 10.70 13.20 2.91
N VAL A 115 9.99 14.32 2.94
CA VAL A 115 9.45 14.84 4.21
C VAL A 115 8.57 13.79 4.93
N MET A 116 7.74 13.08 4.16
CA MET A 116 6.87 12.01 4.70
C MET A 116 7.68 10.89 5.33
N GLN A 117 8.72 10.42 4.63
CA GLN A 117 9.45 9.24 5.08
C GLN A 117 10.35 9.58 6.26
N ALA A 118 10.92 10.79 6.21
CA ALA A 118 11.68 11.30 7.36
C ALA A 118 10.77 11.40 8.61
N LYS A 119 9.59 11.97 8.46
CA LYS A 119 8.62 12.03 9.58
C LYS A 119 8.22 10.63 10.12
N LYS A 120 7.96 9.66 9.25
CA LYS A 120 7.51 8.35 9.71
C LYS A 120 8.64 7.66 10.47
N LYS A 121 9.87 7.85 10.00
CA LYS A 121 11.06 7.26 10.59
C LYS A 121 11.28 7.82 12.00
N GLU A 122 11.14 9.13 12.15
CA GLU A 122 11.22 9.78 13.46
C GLU A 122 10.16 9.23 14.42
N LEU A 123 8.88 9.35 14.03
CA LEU A 123 7.79 8.81 14.82
C LEU A 123 8.06 7.36 15.26
N ALA A 124 8.51 6.47 14.35
CA ALA A 124 8.79 5.05 14.74
C ALA A 124 10.01 4.89 15.67
N ARG A 125 11.03 5.72 15.48
CA ARG A 125 12.22 5.71 16.37
C ARG A 125 11.73 5.98 17.79
N ARG A 126 10.93 7.03 17.92
CA ARG A 126 10.47 7.53 19.21
C ARG A 126 9.35 6.64 19.77
N ASP A 127 8.60 5.98 18.87
CA ASP A 127 7.41 5.21 19.23
C ASP A 127 6.49 6.10 20.08
N ASP A 128 6.37 7.36 19.63
CA ASP A 128 5.55 8.38 20.30
C ASP A 128 5.43 9.59 19.33
N ILE A 129 4.41 10.41 19.55
CA ILE A 129 4.22 11.67 18.82
C ILE A 129 5.22 12.72 19.33
N GLU A 130 5.62 13.63 18.43
CA GLU A 130 6.52 14.76 18.78
C GLU A 130 5.71 15.87 19.42
N GLY B 10 29.16 -5.48 0.44
CA GLY B 10 30.66 -5.50 0.40
C GLY B 10 31.12 -6.52 -0.64
N VAL B 11 30.28 -7.56 -0.84
CA VAL B 11 30.45 -8.56 -1.91
C VAL B 11 29.23 -8.66 -2.85
N ASP B 12 28.26 -7.76 -2.69
CA ASP B 12 27.18 -7.56 -3.67
C ASP B 12 26.48 -6.22 -3.41
N LEU B 13 25.44 -5.94 -4.22
CA LEU B 13 24.60 -4.75 -4.00
C LEU B 13 23.43 -5.10 -3.12
N GLY B 14 23.07 -4.17 -2.25
CA GLY B 14 21.83 -4.26 -1.48
C GLY B 14 20.61 -4.15 -2.37
N THR B 15 20.70 -3.30 -3.41
CA THR B 15 19.64 -3.12 -4.43
C THR B 15 19.22 -4.45 -5.10
N GLU B 16 20.18 -5.34 -5.32
CA GLU B 16 19.90 -6.61 -6.00
C GLU B 16 19.32 -7.68 -5.06
N ASN B 17 19.84 -7.74 -3.84
CA ASN B 17 19.36 -8.67 -2.80
C ASN B 17 17.89 -8.43 -2.43
N LEU B 18 17.50 -7.16 -2.42
CA LEU B 18 16.11 -6.81 -2.22
C LEU B 18 15.17 -7.47 -3.26
N TYR B 19 15.50 -7.50 -4.55
CA TYR B 19 14.66 -8.29 -5.49
C TYR B 19 14.64 -9.82 -5.21
N PHE B 20 15.75 -10.37 -4.68
CA PHE B 20 15.73 -11.76 -4.23
C PHE B 20 14.80 -11.90 -2.99
N GLN B 21 14.92 -11.01 -2.03
CA GLN B 21 14.04 -11.06 -0.87
C GLN B 21 12.58 -10.94 -1.29
N SER B 22 12.31 -10.03 -2.19
CA SER B 22 10.96 -9.89 -2.71
C SER B 22 10.37 -11.09 -3.34
N MET B 23 11.12 -11.70 -4.23
CA MET B 23 10.65 -12.90 -4.88
C MET B 23 10.40 -14.03 -3.86
N GLN B 24 11.17 -14.08 -2.77
CA GLN B 24 10.95 -15.14 -1.75
C GLN B 24 9.67 -14.89 -0.97
N LEU B 25 9.43 -13.64 -0.57
CA LEU B 25 8.20 -13.32 0.11
C LEU B 25 6.99 -13.66 -0.78
N TYR B 26 7.02 -13.26 -2.03
CA TYR B 26 5.93 -13.59 -2.94
C TYR B 26 5.70 -15.08 -3.10
N ASP B 27 6.78 -15.85 -3.16
CA ASP B 27 6.66 -17.28 -3.41
C ASP B 27 6.03 -17.96 -2.19
N THR B 28 6.44 -17.51 -1.00
CA THR B 28 5.88 -18.00 0.27
C THR B 28 4.37 -17.82 0.35
N VAL B 29 3.86 -16.69 -0.12
CA VAL B 29 2.40 -16.49 -0.17
C VAL B 29 1.73 -17.37 -1.23
N ARG B 30 2.21 -17.25 -2.48
CA ARG B 30 1.63 -17.96 -3.62
CA ARG B 30 1.65 -17.96 -3.63
C ARG B 30 1.56 -19.49 -3.41
N SER B 31 2.60 -20.05 -2.81
CA SER B 31 2.72 -21.49 -2.68
C SER B 31 2.43 -22.02 -1.26
N CYS B 32 1.85 -21.17 -0.43
CA CYS B 32 1.49 -21.56 0.91
C CYS B 32 0.50 -22.74 0.90
N ARG B 33 0.80 -23.76 1.69
CA ARG B 33 -0.08 -24.92 1.77
C ARG B 33 -0.61 -25.08 3.19
N ASN B 34 -1.81 -25.65 3.29
CA ASN B 34 -2.40 -25.96 4.59
C ASN B 34 -1.93 -27.29 5.10
N ASN B 35 -2.55 -27.77 6.18
CA ASN B 35 -2.25 -29.09 6.77
C ASN B 35 -2.41 -30.24 5.78
N GLN B 36 -3.51 -30.26 5.05
CA GLN B 36 -3.76 -31.30 4.03
C GLN B 36 -2.71 -31.27 2.91
N GLY B 37 -2.38 -30.06 2.47
CA GLY B 37 -1.47 -29.83 1.34
C GLY B 37 -2.11 -29.10 0.17
N GLN B 38 -3.25 -28.45 0.39
CA GLN B 38 -3.89 -27.62 -0.61
C GLN B 38 -3.34 -26.19 -0.54
N LEU B 39 -3.46 -25.49 -1.67
CA LEU B 39 -2.85 -24.19 -1.86
C LEU B 39 -3.81 -23.11 -1.38
N ILE B 40 -3.57 -22.61 -0.18
CA ILE B 40 -4.44 -21.62 0.43
C ILE B 40 -4.62 -20.34 -0.41
N ALA B 41 -3.71 -20.04 -1.36
CA ALA B 41 -3.70 -18.70 -2.04
C ALA B 41 -4.44 -18.64 -3.36
N GLU B 42 -4.96 -19.75 -3.79
CA GLU B 42 -5.58 -19.83 -5.10
C GLU B 42 -6.64 -18.81 -5.36
N PRO B 43 -7.54 -18.56 -4.40
CA PRO B 43 -8.56 -17.55 -4.64
C PRO B 43 -7.99 -16.15 -4.88
N PHE B 44 -6.68 -15.97 -4.67
CA PHE B 44 -6.03 -14.67 -4.85
C PHE B 44 -5.12 -14.58 -6.04
N TYR B 45 -5.11 -15.64 -6.86
CA TYR B 45 -4.32 -15.67 -8.09
C TYR B 45 -4.80 -14.66 -9.15
N HIS B 46 -6.09 -14.38 -9.17
CA HIS B 46 -6.67 -13.42 -10.11
C HIS B 46 -7.79 -12.60 -9.46
N LEU B 47 -7.99 -11.38 -9.94
CA LEU B 47 -9.15 -10.60 -9.55
C LEU B 47 -10.47 -11.30 -9.95
N PRO B 48 -11.54 -11.05 -9.19
CA PRO B 48 -12.86 -11.57 -9.53
C PRO B 48 -13.38 -11.03 -10.84
N SER B 49 -14.26 -11.80 -11.47
N SER B 49 -14.33 -11.76 -11.43
CA SER B 49 -14.69 -11.52 -12.83
CA SER B 49 -15.00 -11.32 -12.66
C SER B 49 -15.31 -10.14 -12.96
C SER B 49 -15.67 -9.96 -12.44
N LYS B 50 -14.91 -9.41 -13.99
N LYS B 50 -15.71 -9.16 -13.50
CA LYS B 50 -15.72 -8.32 -14.51
CA LYS B 50 -15.97 -7.72 -13.37
C LYS B 50 -16.33 -8.82 -15.82
C LYS B 50 -17.41 -7.21 -13.49
N LYS B 51 -17.66 -8.81 -15.93
N LYS B 51 -18.27 -7.80 -14.31
CA LYS B 51 -18.52 -8.26 -14.88
CA LYS B 51 -18.14 -9.13 -14.88
C LYS B 51 -19.54 -9.26 -14.33
C LYS B 51 -19.23 -9.94 -14.20
N LYS B 52 -19.08 -10.23 -13.54
N LYS B 52 -18.86 -10.96 -13.44
CA LYS B 52 -19.99 -11.17 -12.86
CA LYS B 52 -19.83 -11.65 -12.60
C LYS B 52 -20.09 -10.88 -11.35
C LYS B 52 -20.13 -10.89 -11.29
N TYR B 53 -19.20 -10.03 -10.84
CA TYR B 53 -19.25 -9.50 -9.44
C TYR B 53 -19.05 -7.97 -9.34
N PRO B 54 -19.79 -7.17 -10.14
CA PRO B 54 -19.60 -5.71 -10.12
C PRO B 54 -19.78 -5.11 -8.73
N ASP B 55 -20.58 -5.78 -7.91
CA ASP B 55 -20.66 -5.54 -6.46
C ASP B 55 -19.29 -5.35 -5.79
N TYR B 56 -18.38 -6.27 -6.10
CA TYR B 56 -17.03 -6.27 -5.56
C TYR B 56 -16.29 -4.96 -5.91
N TYR B 57 -16.38 -4.55 -7.17
CA TYR B 57 -15.74 -3.30 -7.65
C TYR B 57 -16.42 -2.00 -7.23
N GLN B 58 -17.69 -2.04 -6.85
CA GLN B 58 -18.35 -0.85 -6.30
C GLN B 58 -17.77 -0.64 -4.92
N GLN B 59 -17.42 -1.76 -4.28
CA GLN B 59 -17.03 -1.73 -2.89
C GLN B 59 -15.52 -1.64 -2.69
N ILE B 60 -14.75 -2.36 -3.50
CA ILE B 60 -13.30 -2.43 -3.31
C ILE B 60 -12.65 -1.41 -4.24
N LYS B 61 -12.20 -0.30 -3.67
CA LYS B 61 -11.69 0.86 -4.45
C LYS B 61 -10.27 0.65 -5.04
N MET B 62 -9.47 -0.18 -4.38
CA MET B 62 -8.13 -0.51 -4.86
C MET B 62 -7.95 -2.03 -5.02
N PRO B 63 -8.65 -2.65 -5.98
CA PRO B 63 -8.48 -4.09 -6.17
C PRO B 63 -7.07 -4.50 -6.60
N ILE B 64 -6.58 -5.58 -6.01
CA ILE B 64 -5.29 -6.13 -6.36
C ILE B 64 -5.24 -7.64 -6.04
N SER B 65 -4.55 -8.41 -6.87
CA SER B 65 -4.39 -9.85 -6.68
C SER B 65 -2.99 -10.22 -7.00
N LEU B 66 -2.68 -11.48 -6.79
CA LEU B 66 -1.36 -11.99 -7.05
C LEU B 66 -0.99 -11.83 -8.52
N GLN B 67 -1.99 -11.82 -9.40
CA GLN B 67 -1.72 -11.52 -10.81
C GLN B 67 -0.96 -10.19 -10.94
N GLN B 68 -1.53 -9.13 -10.40
CA GLN B 68 -0.94 -7.82 -10.60
C GLN B 68 0.36 -7.69 -9.85
N ILE B 69 0.46 -8.33 -8.70
CA ILE B 69 1.65 -8.26 -7.89
C ILE B 69 2.79 -8.92 -8.59
N ARG B 70 2.51 -10.10 -9.15
CA ARG B 70 3.43 -10.85 -9.97
C ARG B 70 4.01 -9.94 -11.07
N THR B 71 3.15 -9.28 -11.84
CA THR B 71 3.59 -8.40 -12.92
C THR B 71 4.45 -7.23 -12.40
N LYS B 72 4.05 -6.64 -11.30
CA LYS B 72 4.83 -5.54 -10.72
C LYS B 72 6.21 -6.01 -10.34
N LEU B 73 6.27 -7.17 -9.71
CA LEU B 73 7.53 -7.78 -9.28
C LEU B 73 8.45 -7.99 -10.47
N LYS B 74 7.91 -8.58 -11.54
CA LYS B 74 8.70 -8.87 -12.75
C LYS B 74 9.29 -7.58 -13.28
N ASN B 75 8.53 -6.48 -13.19
CA ASN B 75 8.96 -5.22 -13.75
C ASN B 75 9.70 -4.36 -12.70
N GLN B 76 10.28 -5.03 -11.72
CA GLN B 76 11.08 -4.45 -10.66
C GLN B 76 10.44 -3.22 -10.03
N GLU B 77 9.11 -3.22 -9.89
CA GLU B 77 8.42 -2.08 -9.28
C GLU B 77 8.61 -1.99 -7.76
N TYR B 78 9.02 -3.10 -7.14
CA TYR B 78 9.15 -3.13 -5.70
C TYR B 78 10.58 -2.80 -5.22
N GLU B 79 10.80 -1.54 -4.88
CA GLU B 79 12.15 -1.05 -4.53
C GLU B 79 12.60 -1.49 -3.12
N THR B 80 11.61 -1.82 -2.30
CA THR B 80 11.84 -2.35 -0.96
C THR B 80 10.82 -3.46 -0.73
N LEU B 81 11.17 -4.28 0.24
CA LEU B 81 10.34 -5.31 0.73
C LEU B 81 9.06 -4.71 1.36
N ASP B 82 9.15 -3.57 2.01
CA ASP B 82 7.94 -2.91 2.53
C ASP B 82 6.90 -2.60 1.45
N HIS B 83 7.33 -2.18 0.24
CA HIS B 83 6.35 -1.90 -0.83
C HIS B 83 5.59 -3.15 -1.19
N LEU B 84 6.31 -4.25 -1.34
CA LEU B 84 5.66 -5.54 -1.60
C LEU B 84 4.70 -5.93 -0.49
N GLU B 85 5.16 -5.83 0.75
CA GLU B 85 4.30 -6.10 1.88
C GLU B 85 3.05 -5.19 1.87
N CYS B 86 3.21 -3.95 1.43
CA CYS B 86 2.07 -3.04 1.31
C CYS B 86 1.05 -3.59 0.38
N ASP B 87 1.48 -4.07 -0.78
CA ASP B 87 0.50 -4.55 -1.77
C ASP B 87 -0.13 -5.90 -1.36
N LEU B 88 0.67 -6.78 -0.81
CA LEU B 88 0.12 -8.00 -0.24
C LEU B 88 -0.93 -7.68 0.84
N ASN B 89 -0.66 -6.74 1.76
CA ASN B 89 -1.64 -6.36 2.79
C ASN B 89 -2.90 -5.77 2.19
N LEU B 90 -2.75 -4.95 1.15
CA LEU B 90 -3.87 -4.41 0.47
C LEU B 90 -4.73 -5.54 0.02
N MET B 91 -4.13 -6.56 -0.57
CA MET B 91 -4.91 -7.71 -1.08
C MET B 91 -5.66 -8.45 0.04
N PHE B 92 -4.99 -8.65 1.17
CA PHE B 92 -5.66 -9.31 2.28
C PHE B 92 -6.78 -8.49 2.87
N GLU B 93 -6.56 -7.17 3.00
CA GLU B 93 -7.58 -6.33 3.61
C GLU B 93 -8.84 -6.15 2.74
N ASN B 94 -8.69 -6.08 1.42
CA ASN B 94 -9.83 -6.17 0.53
C ASN B 94 -10.69 -7.41 0.77
N ALA B 95 -10.05 -8.57 0.81
CA ALA B 95 -10.79 -9.81 1.04
C ALA B 95 -11.47 -9.77 2.41
N LYS B 96 -10.79 -9.23 3.42
CA LYS B 96 -11.36 -9.13 4.76
C LYS B 96 -12.49 -8.10 4.81
N ARG B 97 -12.42 -7.05 4.00
CA ARG B 97 -13.50 -6.10 3.92
C ARG B 97 -14.72 -6.71 3.22
N TYR B 98 -14.48 -7.51 2.19
CA TYR B 98 -15.56 -7.97 1.32
C TYR B 98 -16.26 -9.22 1.82
N ASN B 99 -15.58 -9.99 2.66
CA ASN B 99 -16.07 -11.21 3.24
C ASN B 99 -16.30 -11.02 4.72
N VAL B 100 -17.08 -11.90 5.33
CA VAL B 100 -17.39 -11.81 6.79
C VAL B 100 -16.42 -12.68 7.63
N PRO B 101 -16.19 -12.28 8.89
CA PRO B 101 -15.21 -12.96 9.72
C PRO B 101 -15.35 -14.47 9.78
N ASN B 102 -16.56 -15.01 9.80
CA ASN B 102 -16.69 -16.46 9.82
C ASN B 102 -16.60 -17.24 8.48
N SER B 103 -16.44 -16.57 7.32
CA SER B 103 -16.31 -17.28 6.07
C SER B 103 -14.98 -17.97 6.03
N ALA B 104 -14.89 -19.04 5.27
CA ALA B 104 -13.69 -19.83 5.21
C ALA B 104 -12.57 -19.00 4.59
N ILE B 105 -12.92 -18.16 3.63
CA ILE B 105 -11.94 -17.38 2.90
C ILE B 105 -11.34 -16.31 3.83
N TYR B 106 -12.16 -15.67 4.68
CA TYR B 106 -11.62 -14.73 5.65
C TYR B 106 -10.59 -15.43 6.56
N LYS B 107 -10.92 -16.63 7.00
CA LYS B 107 -10.03 -17.34 7.88
C LYS B 107 -8.77 -17.76 7.14
N ARG B 108 -8.86 -18.14 5.86
CA ARG B 108 -7.65 -18.38 5.02
C ARG B 108 -6.79 -17.12 4.86
N VAL B 109 -7.43 -15.97 4.65
CA VAL B 109 -6.69 -14.67 4.64
C VAL B 109 -5.89 -14.40 5.94
N LEU B 110 -6.48 -14.62 7.11
CA LEU B 110 -5.75 -14.39 8.36
C LEU B 110 -4.47 -15.20 8.46
N LYS B 111 -4.56 -16.48 8.10
CA LYS B 111 -3.39 -17.35 8.10
C LYS B 111 -2.35 -16.92 7.08
N LEU B 112 -2.78 -16.67 5.85
CA LEU B 112 -1.89 -16.17 4.79
C LEU B 112 -1.16 -14.95 5.23
N GLN B 113 -1.92 -14.00 5.73
CA GLN B 113 -1.40 -12.73 6.22
C GLN B 113 -0.38 -12.92 7.30
N GLN B 114 -0.65 -13.84 8.21
CA GLN B 114 0.28 -14.13 9.29
C GLN B 114 1.57 -14.77 8.75
N VAL B 115 1.43 -15.77 7.89
CA VAL B 115 2.58 -16.35 7.23
C VAL B 115 3.41 -15.29 6.45
N MET B 116 2.72 -14.39 5.77
CA MET B 116 3.35 -13.32 4.99
C MET B 116 4.16 -12.41 5.89
N GLN B 117 3.55 -11.96 7.00
CA GLN B 117 4.17 -10.97 7.87
C GLN B 117 5.32 -11.55 8.64
N ALA B 118 5.17 -12.81 9.07
CA ALA B 118 6.26 -13.55 9.71
C ALA B 118 7.43 -13.73 8.72
N LYS B 119 7.13 -14.11 7.48
CA LYS B 119 8.19 -14.21 6.46
C LYS B 119 8.89 -12.87 6.24
N LYS B 120 8.15 -11.77 6.11
CA LYS B 120 8.78 -10.47 5.81
C LYS B 120 9.70 -10.04 6.96
N LYS B 121 9.26 -10.32 8.20
CA LYS B 121 10.01 -9.96 9.43
C LYS B 121 11.32 -10.75 9.48
N GLU B 122 11.24 -12.03 9.17
CA GLU B 122 12.46 -12.84 9.10
C GLU B 122 13.44 -12.26 8.07
N LEU B 123 12.99 -12.13 6.82
CA LEU B 123 13.81 -11.57 5.77
C LEU B 123 14.48 -10.24 6.17
N ALA B 124 13.72 -9.30 6.76
CA ALA B 124 14.29 -8.00 7.19
C ALA B 124 15.30 -8.15 8.35
N ARG B 125 15.03 -9.05 9.30
CA ARG B 125 15.96 -9.31 10.42
C ARG B 125 17.30 -9.71 9.84
N ARG B 126 17.25 -10.64 8.88
CA ARG B 126 18.45 -11.23 8.28
C ARG B 126 19.08 -10.28 7.26
N ASP B 127 18.26 -9.43 6.66
CA ASP B 127 18.68 -8.56 5.54
C ASP B 127 19.37 -9.44 4.46
N ASP B 128 18.74 -10.57 4.19
CA ASP B 128 19.23 -11.59 3.23
C ASP B 128 18.08 -12.62 3.09
N ILE B 129 18.15 -13.45 2.07
CA ILE B 129 17.19 -14.54 1.82
C ILE B 129 17.60 -15.81 2.60
N GLU B 130 16.62 -16.65 2.96
CA GLU B 130 16.91 -17.96 3.59
C GLU B 130 17.33 -18.93 2.49
#